data_3T2E
#
_entry.id   3T2E
#
_cell.length_a   112.308
_cell.length_b   112.308
_cell.length_c   151.221
_cell.angle_alpha   90.00
_cell.angle_beta   90.00
_cell.angle_gamma   90.00
#
_symmetry.space_group_name_H-M   'I 4 2 2'
#
loop_
_entity.id
_entity.type
_entity.pdbx_description
1 polymer 'Fructose-1,6-bisphosphate aldolase/phosphatase'
2 non-polymer 'MAGNESIUM ION'
3 non-polymer 'FRUCTOSE -6-PHOSPHATE'
4 water water
#
_entity_poly.entity_id   1
_entity_poly.type   'polypeptide(L)'
_entity_poly.pdbx_seq_one_letter_code
;MRVTVSIIKADVGGFPGHAHVHPKMLEYAAAKLKEAQKRGVIIDYFVYNVGDDISLLMTHTKGEDNKDIHGLAWETFKEV
TDQIAKRFKLYGAGQDLLKDAFSGNIRGMGPQVAEMEFEERPSEPIIAFAADKTEPGAFNLPLYKMFADPFTTAGLVIDP
SMHEGFIFEVLDVVEHKVYLLKTPEDAYSLLGLIGTTGRYIIRKVFRRADGAPAAANSVERLSLIAGRYVGKDDPVLLVR
AQSGLPAVGEVLEAFAHPHLVHGWMRGSHAGPLMPARFISVDPERRIAIGPKMTRFDGPPKVGALGFQLHEGYLEGGVDL
FDDPAFDYVRQTAAQIADYIRRMGPFQPHRLPPEEMEYTALPKILAKVKPYPADQYEKDRKKYIEAVVKGAKVEESQHDL
EHHHHHH
;
_entity_poly.pdbx_strand_id   A
#
# COMPACT_ATOMS: atom_id res chain seq x y z
N MET A 1 0.43 24.00 -16.31
CA MET A 1 0.82 24.35 -14.91
C MET A 1 1.34 23.08 -14.24
N ARG A 2 2.24 23.28 -13.29
CA ARG A 2 2.75 22.16 -12.41
C ARG A 2 1.80 21.91 -11.26
N VAL A 3 1.53 20.62 -10.99
CA VAL A 3 0.64 20.29 -9.97
C VAL A 3 1.32 19.16 -9.13
N THR A 4 0.97 19.06 -7.85
CA THR A 4 1.48 17.96 -7.04
C THR A 4 0.20 17.21 -6.72
N VAL A 5 0.35 15.87 -6.80
CA VAL A 5 -0.75 15.04 -6.35
C VAL A 5 -0.18 14.26 -5.11
N SER A 6 -0.83 14.32 -3.94
CA SER A 6 -0.32 13.66 -2.74
C SER A 6 -1.43 12.77 -2.15
N ILE A 7 -1.06 11.50 -1.85
CA ILE A 7 -1.95 10.67 -1.04
C ILE A 7 -1.31 10.54 0.30
N ILE A 8 -2.00 10.91 1.37
CA ILE A 8 -1.45 10.65 2.71
C ILE A 8 -2.51 9.81 3.46
N LYS A 9 -2.01 8.71 4.01
CA LYS A 9 -2.94 7.64 4.47
C LYS A 9 -2.63 7.27 5.89
N ALA A 10 -3.63 6.97 6.71
CA ALA A 10 -3.36 6.49 8.08
C ALA A 10 -4.52 5.62 8.46
N ASP A 11 -4.21 4.76 9.40
CA ASP A 11 -5.27 4.05 10.14
C ASP A 11 -5.37 4.70 11.53
N VAL A 12 -6.47 5.36 11.84
CA VAL A 12 -6.64 6.01 13.12
C VAL A 12 -7.78 5.38 13.85
N GLY A 13 -8.16 4.16 13.47
CA GLY A 13 -9.23 3.49 14.27
C GLY A 13 -10.12 2.67 13.33
N GLY A 14 -10.41 1.47 13.76
CA GLY A 14 -11.24 0.52 12.96
C GLY A 14 -12.60 0.24 13.58
N PHE A 15 -13.46 -0.40 12.80
CA PHE A 15 -14.87 -0.40 13.07
C PHE A 15 -15.53 -1.63 12.43
N PRO A 16 -15.69 -2.71 13.19
CA PRO A 16 -15.00 -3.03 14.41
C PRO A 16 -13.64 -3.65 14.18
N GLY A 17 -12.80 -3.64 15.23
CA GLY A 17 -11.46 -4.25 15.07
C GLY A 17 -10.70 -3.54 13.97
N HIS A 18 -10.12 -4.34 13.07
CA HIS A 18 -9.41 -3.72 11.92
C HIS A 18 -10.19 -3.96 10.60
N ALA A 19 -11.49 -4.12 10.75
CA ALA A 19 -12.25 -4.60 9.56
C ALA A 19 -12.64 -3.51 8.60
N HIS A 20 -12.84 -2.26 9.12
CA HIS A 20 -13.39 -1.22 8.24
C HIS A 20 -13.20 0.11 8.98
N VAL A 21 -13.72 1.21 8.42
CA VAL A 21 -13.69 2.48 9.21
C VAL A 21 -15.11 2.87 9.48
N HIS A 22 -15.27 3.81 10.46
CA HIS A 22 -16.59 4.37 10.71
C HIS A 22 -16.85 5.48 9.66
N PRO A 23 -18.03 5.51 9.05
CA PRO A 23 -18.26 6.48 7.94
C PRO A 23 -18.11 7.94 8.42
N LYS A 24 -18.41 8.22 9.70
CA LYS A 24 -18.25 9.61 10.15
C LYS A 24 -16.79 10.03 10.07
N MET A 25 -15.82 9.09 10.08
CA MET A 25 -14.43 9.48 9.97
C MET A 25 -14.20 10.07 8.57
N LEU A 26 -14.78 9.40 7.53
CA LEU A 26 -14.59 9.91 6.17
C LEU A 26 -15.30 11.29 6.03
N GLU A 27 -16.52 11.37 6.58
CA GLU A 27 -17.31 12.65 6.54
C GLU A 27 -16.47 13.77 7.17
N TYR A 28 -15.89 13.47 8.35
CA TYR A 28 -15.12 14.50 9.08
C TYR A 28 -13.92 14.95 8.22
N ALA A 29 -13.17 13.98 7.70
CA ALA A 29 -12.01 14.29 6.90
C ALA A 29 -12.39 15.09 5.67
N ALA A 30 -13.45 14.73 4.96
CA ALA A 30 -13.83 15.46 3.75
C ALA A 30 -14.23 16.90 4.09
N ALA A 31 -14.88 17.08 5.23
CA ALA A 31 -15.28 18.48 5.60
C ALA A 31 -14.04 19.26 5.94
N LYS A 32 -13.07 18.64 6.62
CA LYS A 32 -11.86 19.36 6.94
C LYS A 32 -11.08 19.76 5.69
N LEU A 33 -10.95 18.85 4.70
CA LEU A 33 -10.27 19.23 3.45
C LEU A 33 -11.06 20.24 2.63
N LYS A 34 -12.40 20.26 2.75
CA LYS A 34 -13.21 21.25 2.05
C LYS A 34 -12.87 22.62 2.62
N GLU A 35 -12.62 22.66 3.91
CA GLU A 35 -12.23 23.95 4.57
C GLU A 35 -10.86 24.38 4.05
N ALA A 36 -9.92 23.45 3.99
CA ALA A 36 -8.59 23.74 3.45
C ALA A 36 -8.68 24.20 2.01
N GLN A 37 -9.57 23.64 1.20
CA GLN A 37 -9.64 24.03 -0.18
C GLN A 37 -10.21 25.49 -0.24
N LYS A 38 -11.20 25.75 0.63
CA LYS A 38 -11.83 27.11 0.63
C LYS A 38 -10.77 28.13 0.99
N ARG A 39 -9.79 27.79 1.84
CA ARG A 39 -8.72 28.72 2.26
C ARG A 39 -7.55 28.73 1.30
N GLY A 40 -7.61 27.92 0.23
CA GLY A 40 -6.56 27.84 -0.82
C GLY A 40 -5.32 27.01 -0.44
N VAL A 41 -5.37 26.21 0.65
CA VAL A 41 -4.24 25.39 1.01
C VAL A 41 -4.05 24.29 -0.08
N ILE A 42 -5.19 23.76 -0.57
CA ILE A 42 -5.13 22.75 -1.62
C ILE A 42 -6.11 23.11 -2.70
N ILE A 43 -5.98 22.52 -3.87
CA ILE A 43 -6.88 22.70 -4.95
C ILE A 43 -8.13 21.82 -4.86
N ASP A 44 -7.88 20.50 -4.63
CA ASP A 44 -8.99 19.56 -4.63
C ASP A 44 -8.59 18.33 -3.83
N TYR A 45 -9.56 17.43 -3.61
CA TYR A 45 -9.26 16.32 -2.71
C TYR A 45 -10.26 15.20 -2.99
N PHE A 46 -9.91 14.03 -2.40
CA PHE A 46 -10.91 12.92 -2.39
C PHE A 46 -10.55 12.05 -1.20
N VAL A 47 -11.56 11.58 -0.45
CA VAL A 47 -11.27 10.85 0.81
C VAL A 47 -11.91 9.45 0.71
N TYR A 48 -11.13 8.43 1.03
CA TYR A 48 -11.67 7.05 0.88
C TYR A 48 -10.94 6.10 1.75
N ASN A 49 -11.58 4.94 2.03
CA ASN A 49 -10.84 3.95 2.80
C ASN A 49 -10.81 2.62 1.98
N VAL A 50 -9.81 1.84 2.30
CA VAL A 50 -9.92 0.37 1.94
C VAL A 50 -9.64 -0.31 3.28
N GLY A 51 -10.60 -1.14 3.74
CA GLY A 51 -10.34 -1.71 5.09
C GLY A 51 -10.38 -0.59 6.15
N ASP A 52 -9.41 -0.68 7.03
CA ASP A 52 -9.35 0.29 8.15
C ASP A 52 -8.36 1.41 7.84
N ASP A 53 -7.99 1.59 6.58
CA ASP A 53 -7.03 2.67 6.21
C ASP A 53 -7.73 3.77 5.48
N ILE A 54 -7.54 5.02 5.94
CA ILE A 54 -8.15 6.18 5.26
C ILE A 54 -7.05 6.90 4.44
N SER A 55 -7.36 7.09 3.14
CA SER A 55 -6.45 7.83 2.26
C SER A 55 -7.09 9.22 2.07
N LEU A 56 -6.20 10.24 2.24
CA LEU A 56 -6.55 11.59 1.83
C LEU A 56 -5.81 11.88 0.57
N LEU A 57 -6.50 12.01 -0.54
CA LEU A 57 -5.86 12.32 -1.83
C LEU A 57 -6.05 13.84 -2.05
N MET A 58 -4.93 14.56 -2.24
CA MET A 58 -5.03 16.04 -2.34
C MET A 58 -4.25 16.48 -3.52
N THR A 59 -4.76 17.52 -4.17
CA THR A 59 -3.94 18.10 -5.25
C THR A 59 -3.68 19.55 -4.77
N HIS A 60 -2.52 20.00 -5.23
CA HIS A 60 -2.09 21.35 -4.70
C HIS A 60 -0.86 21.73 -5.50
N THR A 61 -0.31 22.93 -5.18
CA THR A 61 0.83 23.34 -5.96
C THR A 61 2.00 23.69 -5.01
N LYS A 62 2.08 22.97 -3.87
CA LYS A 62 3.10 23.26 -2.90
C LYS A 62 4.32 22.34 -3.04
N GLY A 63 4.30 21.40 -4.01
CA GLY A 63 5.44 20.49 -4.21
C GLY A 63 5.42 19.29 -3.23
N GLU A 64 6.42 18.45 -3.46
CA GLU A 64 6.62 17.22 -2.64
C GLU A 64 7.19 17.55 -1.29
N ASP A 65 6.88 16.70 -0.29
CA ASP A 65 7.47 16.87 1.05
C ASP A 65 7.20 18.26 1.64
N ASN A 66 6.02 18.79 1.40
CA ASN A 66 5.61 20.07 1.91
C ASN A 66 5.06 20.02 3.30
N LYS A 67 5.61 20.86 4.19
CA LYS A 67 5.12 20.85 5.55
C LYS A 67 3.67 21.27 5.78
N ASP A 68 3.11 22.17 4.96
CA ASP A 68 1.74 22.57 5.14
C ASP A 68 0.80 21.42 4.66
N ILE A 69 1.21 20.71 3.60
CA ILE A 69 0.31 19.63 3.10
C ILE A 69 0.38 18.39 4.09
N HIS A 70 1.58 18.07 4.50
CA HIS A 70 1.81 17.00 5.49
C HIS A 70 1.15 17.40 6.79
N GLY A 71 1.27 18.69 7.19
CA GLY A 71 0.61 19.12 8.42
C GLY A 71 -0.88 19.10 8.34
N LEU A 72 -1.41 19.46 7.17
CA LEU A 72 -2.85 19.44 6.95
C LEU A 72 -3.37 17.96 7.18
N ALA A 73 -2.61 17.00 6.64
CA ALA A 73 -3.04 15.57 6.77
C ALA A 73 -2.90 15.20 8.25
N TRP A 74 -1.79 15.57 8.89
CA TRP A 74 -1.56 15.22 10.32
C TRP A 74 -2.73 15.77 11.12
N GLU A 75 -3.10 17.05 10.93
CA GLU A 75 -4.12 17.66 11.73
C GLU A 75 -5.50 16.98 11.48
N THR A 76 -5.75 16.63 10.21
CA THR A 76 -7.00 15.98 9.85
C THR A 76 -7.07 14.63 10.61
N PHE A 77 -5.99 13.85 10.54
CA PHE A 77 -5.98 12.52 11.24
C PHE A 77 -6.09 12.73 12.77
N LYS A 78 -5.45 13.81 13.30
CA LYS A 78 -5.50 14.01 14.74
C LYS A 78 -6.93 14.37 15.14
N GLU A 79 -7.65 15.21 14.39
CA GLU A 79 -8.96 15.66 14.70
C GLU A 79 -9.94 14.48 14.53
N VAL A 80 -9.72 13.67 13.48
CA VAL A 80 -10.58 12.42 13.37
C VAL A 80 -10.39 11.56 14.60
N THR A 81 -9.16 11.44 15.08
CA THR A 81 -8.82 10.57 16.18
C THR A 81 -9.53 11.15 17.40
N ASP A 82 -9.34 12.46 17.67
CA ASP A 82 -9.95 12.99 18.92
C ASP A 82 -11.44 13.16 18.89
N GLN A 83 -12.04 13.53 17.78
CA GLN A 83 -13.43 13.82 17.69
C GLN A 83 -14.30 12.56 17.44
N ILE A 84 -13.72 11.58 16.75
CA ILE A 84 -14.51 10.44 16.24
C ILE A 84 -13.98 9.11 16.83
N ALA A 85 -12.71 8.82 16.60
CA ALA A 85 -12.19 7.53 17.04
C ALA A 85 -12.17 7.31 18.51
N LYS A 86 -11.71 8.33 19.25
CA LYS A 86 -11.71 8.20 20.68
C LYS A 86 -13.09 8.32 21.29
N ARG A 87 -13.97 9.08 20.69
CA ARG A 87 -15.31 9.22 21.17
C ARG A 87 -16.04 7.88 21.09
N PHE A 88 -15.86 7.18 19.96
CA PHE A 88 -16.55 5.88 19.80
C PHE A 88 -15.69 4.74 20.28
N LYS A 89 -14.51 4.97 20.90
CA LYS A 89 -13.56 3.97 21.36
C LYS A 89 -13.27 2.95 20.25
N LEU A 90 -13.00 3.47 19.08
CA LEU A 90 -12.69 2.56 17.94
C LEU A 90 -11.41 1.82 18.13
N TYR A 91 -11.26 0.70 17.42
CA TYR A 91 -10.16 -0.15 17.74
C TYR A 91 -8.88 0.32 17.07
N GLY A 92 -7.80 0.42 17.87
CA GLY A 92 -6.56 1.07 17.37
C GLY A 92 -6.76 2.60 17.21
N ALA A 93 -7.64 3.21 18.01
CA ALA A 93 -7.87 4.68 17.91
C ALA A 93 -6.52 5.42 17.89
N GLY A 94 -6.30 6.25 16.87
CA GLY A 94 -5.00 6.98 16.78
C GLY A 94 -3.79 6.07 16.51
N GLN A 95 -4.02 4.79 16.16
CA GLN A 95 -2.99 3.73 15.84
C GLN A 95 -1.71 4.36 15.18
N ASP A 96 -1.90 5.00 14.02
CA ASP A 96 -0.73 5.45 13.26
C ASP A 96 -0.14 6.79 13.66
N LEU A 97 -0.67 7.47 14.68
CA LEU A 97 -0.13 8.76 15.05
C LEU A 97 0.90 8.48 16.15
N LEU A 98 2.18 8.35 15.73
CA LEU A 98 3.26 7.69 16.55
C LEU A 98 4.17 8.66 17.35
N LYS A 99 3.94 9.96 17.13
CA LYS A 99 4.43 11.02 18.07
C LYS A 99 3.29 11.97 18.50
N ASP A 100 3.58 12.81 19.49
CA ASP A 100 2.64 13.82 19.96
C ASP A 100 2.74 15.10 19.09
N ALA A 101 3.90 15.31 18.46
CA ALA A 101 4.22 16.57 17.78
C ALA A 101 4.61 16.42 16.29
N PHE A 102 3.87 17.11 15.42
CA PHE A 102 4.24 17.22 13.99
C PHE A 102 5.60 17.98 13.88
N SER A 103 6.61 17.31 13.33
CA SER A 103 7.96 17.85 13.11
C SER A 103 8.09 18.68 11.81
N GLY A 104 7.18 18.49 10.85
CA GLY A 104 7.34 19.15 9.54
C GLY A 104 7.20 18.15 8.37
N ASN A 105 7.53 16.88 8.60
CA ASN A 105 7.36 15.86 7.54
C ASN A 105 6.66 14.66 8.18
N ILE A 106 5.59 14.18 7.56
CA ILE A 106 4.79 13.10 8.22
C ILE A 106 5.48 11.73 8.06
N ARG A 107 6.44 11.66 7.13
CA ARG A 107 7.05 10.39 6.73
C ARG A 107 7.86 9.80 7.88
N GLY A 108 7.64 8.53 8.19
CA GLY A 108 8.37 7.94 9.33
C GLY A 108 7.64 8.02 10.66
N MET A 109 6.54 8.81 10.72
CA MET A 109 5.70 8.99 11.95
C MET A 109 4.53 8.00 12.02
N GLY A 110 4.45 7.07 11.03
CA GLY A 110 3.45 5.97 10.83
C GLY A 110 2.53 6.11 9.56
N PRO A 111 2.04 7.32 9.30
CA PRO A 111 1.21 7.46 8.08
C PRO A 111 1.99 7.27 6.81
N GLN A 112 1.33 6.97 5.69
CA GLN A 112 2.05 6.61 4.49
C GLN A 112 1.83 7.74 3.49
N VAL A 113 2.85 8.03 2.69
CA VAL A 113 2.75 9.14 1.71
C VAL A 113 3.17 8.71 0.37
N ALA A 114 2.40 8.96 -0.71
CA ALA A 114 2.90 8.75 -2.08
C ALA A 114 2.53 10.05 -2.78
N GLU A 115 3.55 10.65 -3.37
CA GLU A 115 3.28 11.99 -4.01
C GLU A 115 4.11 12.14 -5.25
N MET A 116 3.62 12.98 -6.21
CA MET A 116 4.41 13.17 -7.42
C MET A 116 4.07 14.64 -7.81
N GLU A 117 5.06 15.33 -8.34
CA GLU A 117 4.84 16.70 -8.88
C GLU A 117 5.22 16.67 -10.34
N PHE A 118 4.44 17.33 -11.22
CA PHE A 118 4.77 17.26 -12.65
C PHE A 118 3.97 18.35 -13.34
N GLU A 119 4.35 18.62 -14.62
CA GLU A 119 3.54 19.54 -15.47
C GLU A 119 2.28 18.74 -15.90
N GLU A 120 1.11 19.30 -15.62
CA GLU A 120 -0.12 18.62 -15.96
C GLU A 120 -0.25 18.49 -17.48
N ARG A 121 -0.45 17.25 -17.98
CA ARG A 121 -0.49 17.01 -19.43
C ARG A 121 -1.82 17.49 -20.04
N PRO A 122 -1.87 17.54 -21.37
CA PRO A 122 -3.09 17.96 -22.06
C PRO A 122 -4.29 17.09 -21.66
N SER A 123 -4.02 15.79 -21.41
CA SER A 123 -5.01 15.00 -20.60
C SER A 123 -4.16 14.32 -19.54
N GLU A 124 -4.65 14.31 -18.29
CA GLU A 124 -3.79 13.80 -17.20
C GLU A 124 -4.61 12.75 -16.38
N PRO A 125 -4.66 11.54 -16.92
CA PRO A 125 -5.32 10.44 -16.17
C PRO A 125 -4.39 9.85 -15.13
N ILE A 126 -4.91 9.63 -13.95
CA ILE A 126 -4.09 9.05 -12.85
C ILE A 126 -4.94 8.01 -12.19
N ILE A 127 -4.25 7.05 -11.55
CA ILE A 127 -5.02 6.07 -10.70
C ILE A 127 -4.42 6.10 -9.32
N ALA A 128 -5.24 6.10 -8.30
CA ALA A 128 -4.84 6.06 -6.90
C ALA A 128 -5.28 4.64 -6.42
N PHE A 129 -4.28 3.96 -5.86
CA PHE A 129 -4.53 2.66 -5.26
C PHE A 129 -4.37 2.71 -3.77
N ALA A 130 -5.14 1.86 -3.05
CA ALA A 130 -4.92 1.74 -1.61
C ALA A 130 -5.06 0.22 -1.33
N ALA A 131 -4.09 -0.32 -0.56
CA ALA A 131 -4.25 -1.76 -0.17
C ALA A 131 -4.32 -1.87 1.33
N ASP A 132 -5.15 -2.75 1.91
CA ASP A 132 -5.13 -2.94 3.35
C ASP A 132 -4.62 -4.38 3.61
N LYS A 133 -4.06 -4.53 4.81
CA LYS A 133 -3.54 -5.80 5.31
C LYS A 133 -2.38 -6.32 4.51
N THR A 134 -1.47 -5.40 4.12
CA THR A 134 -0.26 -5.85 3.48
C THR A 134 0.81 -4.75 3.60
N GLU A 135 1.91 -4.94 2.89
CA GLU A 135 3.09 -4.05 3.02
C GLU A 135 3.37 -3.40 1.73
N PRO A 136 4.21 -2.33 1.75
CA PRO A 136 4.50 -1.68 0.46
C PRO A 136 5.01 -2.58 -0.65
N GLY A 137 5.75 -3.64 -0.28
CA GLY A 137 6.28 -4.59 -1.27
C GLY A 137 5.16 -5.37 -1.98
N ALA A 138 3.93 -5.28 -1.51
CA ALA A 138 2.79 -5.92 -2.22
C ALA A 138 2.67 -5.36 -3.59
N PHE A 139 3.11 -4.10 -3.76
CA PHE A 139 3.02 -3.50 -5.10
C PHE A 139 4.24 -3.73 -5.95
N ASN A 140 5.25 -4.44 -5.46
CA ASN A 140 6.43 -4.68 -6.30
C ASN A 140 6.08 -5.48 -7.53
N LEU A 141 5.30 -6.58 -7.38
CA LEU A 141 4.94 -7.35 -8.55
C LEU A 141 4.07 -6.51 -9.58
N PRO A 142 3.02 -5.86 -9.13
CA PRO A 142 2.23 -5.07 -10.11
C PRO A 142 3.07 -3.98 -10.77
N LEU A 143 3.92 -3.30 -9.98
CA LEU A 143 4.69 -2.19 -10.57
C LEU A 143 5.70 -2.74 -11.54
N TYR A 144 6.37 -3.85 -11.22
CA TYR A 144 7.24 -4.47 -12.19
C TYR A 144 6.42 -4.83 -13.47
N LYS A 145 5.25 -5.49 -13.31
CA LYS A 145 4.56 -5.93 -14.50
C LYS A 145 4.14 -4.72 -15.38
N MET A 146 3.56 -3.68 -14.74
CA MET A 146 3.00 -2.66 -15.63
C MET A 146 4.10 -1.86 -16.34
N PHE A 147 5.31 -1.79 -15.73
CA PHE A 147 6.38 -1.00 -16.40
C PHE A 147 7.38 -1.83 -17.13
N ALA A 148 7.45 -3.15 -16.92
CA ALA A 148 8.52 -3.94 -17.49
C ALA A 148 8.15 -5.30 -18.04
N ASP A 149 6.92 -5.80 -17.82
CA ASP A 149 6.56 -7.15 -18.34
C ASP A 149 5.80 -7.03 -19.65
N PRO A 150 6.38 -7.50 -20.73
CA PRO A 150 5.66 -7.35 -22.03
C PRO A 150 4.45 -8.24 -22.08
N PHE A 151 4.31 -9.19 -21.14
CA PHE A 151 3.03 -9.97 -21.12
C PHE A 151 1.91 -9.17 -20.44
N THR A 152 2.17 -8.04 -19.81
CA THR A 152 1.15 -7.20 -19.14
C THR A 152 0.89 -5.99 -20.02
N THR A 153 2.02 -5.29 -20.29
CA THR A 153 1.94 -3.96 -20.93
C THR A 153 2.37 -4.10 -22.40
N ALA A 154 1.38 -4.20 -23.29
CA ALA A 154 1.67 -4.37 -24.73
C ALA A 154 2.41 -3.17 -25.28
N GLY A 155 2.24 -1.99 -24.66
CA GLY A 155 2.93 -0.77 -25.19
C GLY A 155 4.43 -0.98 -25.22
N LEU A 156 4.98 -1.74 -24.28
CA LEU A 156 6.47 -1.87 -24.30
C LEU A 156 6.93 -2.43 -25.64
N VAL A 157 6.09 -3.23 -26.32
CA VAL A 157 6.48 -3.85 -27.56
C VAL A 157 5.97 -3.01 -28.73
N ILE A 158 4.73 -2.48 -28.66
CA ILE A 158 4.05 -2.08 -29.91
C ILE A 158 3.89 -0.60 -29.94
N ASP A 159 4.33 0.12 -28.89
CA ASP A 159 4.29 1.54 -28.74
C ASP A 159 5.66 2.11 -28.85
N PRO A 160 5.99 2.58 -30.10
CA PRO A 160 7.41 3.00 -30.22
C PRO A 160 7.69 3.99 -29.16
N SER A 161 6.68 4.67 -28.60
CA SER A 161 7.06 5.71 -27.57
C SER A 161 7.53 5.21 -26.18
N MET A 162 7.24 3.90 -25.85
CA MET A 162 7.53 3.21 -24.56
C MET A 162 8.71 2.19 -24.65
N HIS A 163 9.28 2.14 -25.83
CA HIS A 163 10.21 1.11 -26.17
C HIS A 163 11.50 1.27 -25.39
N GLU A 164 11.78 2.49 -24.95
CA GLU A 164 13.00 2.78 -24.24
C GLU A 164 12.95 2.36 -22.78
N GLY A 165 11.77 2.05 -22.26
CA GLY A 165 11.69 1.52 -20.89
C GLY A 165 11.64 2.52 -19.78
N PHE A 166 11.90 2.03 -18.59
CA PHE A 166 11.65 2.78 -17.35
C PHE A 166 12.74 2.66 -16.35
N ILE A 167 12.76 3.62 -15.42
CA ILE A 167 13.83 3.67 -14.37
C ILE A 167 13.11 3.44 -13.04
N PHE A 168 13.59 2.41 -12.33
CA PHE A 168 13.02 2.10 -11.05
C PHE A 168 13.91 2.55 -9.93
N GLU A 169 13.34 3.32 -9.00
CA GLU A 169 14.04 3.73 -7.74
C GLU A 169 13.60 2.75 -6.67
N VAL A 170 14.57 1.93 -6.24
CA VAL A 170 14.30 0.85 -5.27
C VAL A 170 14.94 1.19 -3.92
N LEU A 171 14.17 1.16 -2.85
CA LEU A 171 14.67 1.49 -1.53
C LEU A 171 14.95 0.19 -0.77
N ASP A 172 16.17 0.00 -0.31
CA ASP A 172 16.43 -1.07 0.71
C ASP A 172 16.05 -0.49 2.04
N VAL A 173 14.96 -0.97 2.65
CA VAL A 173 14.41 -0.33 3.82
C VAL A 173 15.15 -0.79 5.11
N VAL A 174 16.02 -1.76 4.93
CA VAL A 174 16.82 -2.30 6.06
C VAL A 174 18.13 -1.41 6.19
N GLU A 175 18.93 -1.33 5.14
CA GLU A 175 20.21 -0.63 5.22
C GLU A 175 20.12 0.79 4.72
N HIS A 176 18.93 1.22 4.27
CA HIS A 176 18.66 2.62 3.88
C HIS A 176 19.55 3.04 2.69
N LYS A 177 19.47 2.29 1.58
CA LYS A 177 20.29 2.48 0.38
C LYS A 177 19.27 2.49 -0.78
N VAL A 178 19.57 3.28 -1.78
CA VAL A 178 18.68 3.39 -2.95
C VAL A 178 19.40 2.85 -4.17
N TYR A 179 18.69 2.08 -5.03
CA TYR A 179 19.24 1.53 -6.25
C TYR A 179 18.43 2.08 -7.38
N LEU A 180 19.12 2.44 -8.46
CA LEU A 180 18.41 2.87 -9.67
C LEU A 180 18.61 1.86 -10.76
N LEU A 181 17.53 1.25 -11.28
CA LEU A 181 17.71 0.19 -12.23
C LEU A 181 16.86 0.49 -13.45
N LYS A 182 17.37 0.20 -14.63
CA LYS A 182 16.67 0.59 -15.90
C LYS A 182 16.23 -0.67 -16.63
N THR A 183 14.98 -0.74 -17.01
CA THR A 183 14.53 -1.86 -17.81
C THR A 183 14.49 -1.41 -19.27
N PRO A 184 14.68 -2.31 -20.25
CA PRO A 184 14.75 -3.76 -20.18
C PRO A 184 16.10 -4.31 -19.64
N GLU A 185 17.23 -3.56 -19.83
CA GLU A 185 18.51 -4.24 -19.63
C GLU A 185 18.78 -4.72 -18.21
N ASP A 186 18.26 -4.04 -17.16
CA ASP A 186 18.51 -4.41 -15.80
C ASP A 186 17.43 -5.30 -15.20
N ALA A 187 16.54 -5.86 -16.05
CA ALA A 187 15.29 -6.55 -15.47
C ALA A 187 15.68 -7.66 -14.48
N TYR A 188 16.78 -8.38 -14.79
CA TYR A 188 17.06 -9.56 -13.95
C TYR A 188 17.67 -9.14 -12.67
N SER A 189 18.55 -8.11 -12.69
CA SER A 189 19.03 -7.57 -11.40
C SER A 189 17.96 -6.93 -10.58
N LEU A 190 17.09 -6.19 -11.27
CA LEU A 190 15.95 -5.57 -10.54
C LEU A 190 15.15 -6.66 -9.81
N LEU A 191 14.80 -7.72 -10.55
CA LEU A 191 14.00 -8.76 -9.91
C LEU A 191 14.69 -9.50 -8.77
N GLY A 192 16.01 -9.64 -8.91
CA GLY A 192 16.84 -10.20 -7.82
C GLY A 192 16.68 -9.42 -6.57
N LEU A 193 16.47 -8.13 -6.66
CA LEU A 193 16.21 -7.35 -5.49
C LEU A 193 14.74 -7.37 -5.10
N ILE A 194 13.85 -6.93 -6.01
CA ILE A 194 12.46 -6.64 -5.55
C ILE A 194 11.61 -7.90 -5.38
N GLY A 195 12.15 -9.06 -5.76
CA GLY A 195 11.50 -10.32 -5.33
C GLY A 195 11.49 -10.48 -3.83
N THR A 196 12.46 -9.84 -3.13
CA THR A 196 12.48 -9.90 -1.66
C THR A 196 11.66 -8.70 -1.23
N THR A 197 10.35 -8.92 -1.16
CA THR A 197 9.42 -7.80 -1.10
C THR A 197 9.40 -7.09 0.23
N GLY A 198 9.94 -7.69 1.30
CA GLY A 198 9.96 -7.01 2.60
C GLY A 198 11.23 -6.15 2.79
N ARG A 199 12.15 -6.22 1.85
CA ARG A 199 13.45 -5.49 1.99
C ARG A 199 13.66 -4.47 0.87
N TYR A 200 13.46 -4.87 -0.38
CA TYR A 200 13.75 -3.98 -1.51
C TYR A 200 12.39 -3.64 -2.16
N ILE A 201 12.00 -2.37 -2.06
CA ILE A 201 10.65 -1.97 -2.43
C ILE A 201 10.77 -0.91 -3.52
N ILE A 202 9.99 -1.08 -4.57
CA ILE A 202 9.93 0.04 -5.57
C ILE A 202 9.26 1.22 -4.93
N ARG A 203 10.00 2.39 -4.93
CA ARG A 203 9.44 3.59 -4.28
C ARG A 203 8.94 4.58 -5.39
N LYS A 204 9.71 4.69 -6.47
CA LYS A 204 9.30 5.56 -7.61
C LYS A 204 9.66 4.93 -8.93
N VAL A 205 8.96 5.32 -10.02
CA VAL A 205 9.30 4.89 -11.35
C VAL A 205 9.25 6.16 -12.21
N PHE A 206 10.23 6.25 -13.11
CA PHE A 206 10.30 7.37 -14.06
C PHE A 206 10.40 6.83 -15.44
N ARG A 207 9.92 7.62 -16.43
CA ARG A 207 10.04 7.25 -17.80
CA ARG A 207 10.05 7.24 -17.82
C ARG A 207 11.51 7.48 -18.26
N ARG A 208 12.10 6.49 -18.95
CA ARG A 208 13.50 6.62 -19.48
CA ARG A 208 13.51 6.66 -19.41
C ARG A 208 13.63 7.70 -20.54
N ALA A 209 12.61 7.84 -21.35
CA ALA A 209 12.73 8.79 -22.54
C ALA A 209 13.09 10.22 -22.02
N ASP A 210 12.44 10.68 -20.95
CA ASP A 210 12.46 12.09 -20.55
C ASP A 210 12.59 12.28 -19.05
N GLY A 211 12.64 11.16 -18.26
CA GLY A 211 12.64 11.28 -16.83
C GLY A 211 11.32 11.62 -16.17
N ALA A 212 10.21 11.57 -16.89
CA ALA A 212 8.87 11.99 -16.33
C ALA A 212 8.52 11.06 -15.14
N PRO A 213 8.01 11.61 -14.08
CA PRO A 213 7.56 10.69 -12.98
C PRO A 213 6.35 9.88 -13.48
N ALA A 214 6.38 8.56 -13.19
CA ALA A 214 5.31 7.69 -13.68
C ALA A 214 4.56 7.04 -12.52
N ALA A 215 5.25 6.74 -11.41
CA ALA A 215 4.54 6.18 -10.24
C ALA A 215 5.26 6.50 -8.94
N ALA A 216 4.52 6.50 -7.87
CA ALA A 216 5.11 6.68 -6.54
C ALA A 216 4.35 5.79 -5.56
N ASN A 217 5.16 4.94 -4.84
CA ASN A 217 4.61 3.96 -3.88
C ASN A 217 5.02 4.46 -2.52
N SER A 218 4.15 4.35 -1.52
CA SER A 218 4.50 4.75 -0.15
C SER A 218 5.42 3.74 0.57
N VAL A 219 6.64 4.13 0.79
CA VAL A 219 7.51 3.21 1.54
C VAL A 219 8.54 4.10 2.29
N GLU A 220 8.89 3.63 3.49
CA GLU A 220 9.86 4.30 4.31
C GLU A 220 10.79 3.23 4.88
N ARG A 221 12.03 3.68 5.18
CA ARG A 221 12.92 2.80 5.90
C ARG A 221 12.29 2.20 7.19
N LEU A 222 12.70 1.01 7.59
CA LEU A 222 12.12 0.37 8.78
C LEU A 222 12.70 0.96 10.09
N SER A 223 11.84 1.09 11.11
CA SER A 223 12.13 1.80 12.43
C SER A 223 11.52 1.09 13.61
N LEU A 224 12.12 1.29 14.80
CA LEU A 224 11.64 0.68 16.10
C LEU A 224 11.65 1.72 17.22
N TYR A 229 8.04 -1.88 14.40
CA TYR A 229 7.28 -0.64 14.54
C TYR A 229 6.87 -0.01 13.18
N VAL A 230 7.69 0.87 12.61
CA VAL A 230 7.26 1.67 11.45
C VAL A 230 7.84 1.15 10.14
N GLY A 231 6.99 1.10 9.12
CA GLY A 231 7.47 0.86 7.77
C GLY A 231 6.73 -0.26 7.08
N LYS A 232 6.07 -1.19 7.84
CA LYS A 232 5.29 -2.23 7.07
C LYS A 232 3.83 -1.79 6.86
N ASP A 233 3.59 -0.48 7.08
CA ASP A 233 2.28 -0.01 7.14
C ASP A 233 1.60 -0.17 5.73
N ASP A 234 0.30 -0.35 5.77
CA ASP A 234 -0.49 -0.69 4.52
C ASP A 234 -0.27 0.46 3.51
N PRO A 235 0.03 0.14 2.27
CA PRO A 235 0.50 1.15 1.31
C PRO A 235 -0.57 1.82 0.48
N VAL A 236 -0.13 2.91 -0.15
CA VAL A 236 -0.89 3.62 -1.14
C VAL A 236 0.04 3.90 -2.33
N LEU A 237 -0.53 4.07 -3.53
CA LEU A 237 0.28 4.09 -4.75
C LEU A 237 -0.39 5.00 -5.74
N LEU A 238 0.40 5.88 -6.39
CA LEU A 238 -0.10 6.77 -7.46
CA LEU A 238 -0.12 6.75 -7.40
C LEU A 238 0.53 6.39 -8.73
N VAL A 239 -0.28 6.22 -9.78
CA VAL A 239 0.27 5.93 -11.06
C VAL A 239 -0.32 6.89 -12.11
N ARG A 240 0.57 7.50 -12.93
CA ARG A 240 0.07 8.31 -14.12
C ARG A 240 -0.03 7.40 -15.30
N ALA A 241 -1.08 7.60 -16.14
CA ALA A 241 -1.28 6.67 -17.20
C ALA A 241 -1.29 7.35 -18.57
N GLN A 242 -1.18 6.54 -19.61
CA GLN A 242 -1.35 6.87 -21.05
C GLN A 242 -0.21 7.76 -21.66
N SER A 243 -0.27 7.78 -22.98
CA SER A 243 0.61 8.71 -23.76
C SER A 243 2.09 8.46 -23.45
N GLY A 244 2.55 7.19 -23.67
CA GLY A 244 3.97 6.87 -23.36
C GLY A 244 4.17 6.31 -21.96
N LEU A 245 3.10 6.33 -21.18
CA LEU A 245 3.07 5.67 -19.84
C LEU A 245 2.00 4.59 -20.06
N PRO A 246 2.05 3.52 -19.24
CA PRO A 246 1.10 2.44 -19.52
C PRO A 246 -0.32 2.96 -19.53
N ALA A 247 -1.13 2.36 -20.45
CA ALA A 247 -2.57 2.69 -20.53
C ALA A 247 -3.23 2.37 -19.21
N VAL A 248 -4.35 3.00 -18.88
CA VAL A 248 -5.16 2.62 -17.69
C VAL A 248 -5.34 1.11 -17.68
N GLY A 249 -5.61 0.52 -18.82
CA GLY A 249 -5.86 -0.97 -18.83
C GLY A 249 -4.63 -1.76 -18.60
N GLU A 250 -3.45 -1.26 -18.95
CA GLU A 250 -2.17 -1.97 -18.70
C GLU A 250 -1.83 -1.91 -17.21
N VAL A 251 -2.08 -0.74 -16.61
CA VAL A 251 -1.93 -0.60 -15.17
C VAL A 251 -2.86 -1.63 -14.45
N LEU A 252 -4.11 -1.66 -14.88
CA LEU A 252 -5.07 -2.57 -14.21
C LEU A 252 -4.73 -4.06 -14.49
N GLU A 253 -4.24 -4.38 -15.71
CA GLU A 253 -3.88 -5.79 -16.00
C GLU A 253 -2.80 -6.27 -15.06
N ALA A 254 -1.99 -5.35 -14.51
CA ALA A 254 -0.93 -5.73 -13.58
C ALA A 254 -1.48 -6.23 -12.22
N PHE A 255 -2.77 -6.02 -11.97
CA PHE A 255 -3.44 -6.53 -10.80
C PHE A 255 -4.39 -7.67 -11.09
N ALA A 256 -4.40 -8.18 -12.33
CA ALA A 256 -5.38 -9.17 -12.70
C ALA A 256 -5.02 -10.61 -12.26
N HIS A 257 -3.80 -10.83 -11.77
CA HIS A 257 -3.46 -12.10 -11.06
C HIS A 257 -3.38 -11.71 -9.57
N PRO A 258 -4.23 -12.32 -8.72
CA PRO A 258 -4.29 -11.91 -7.30
C PRO A 258 -3.14 -12.64 -6.54
N HIS A 259 -1.95 -12.06 -6.71
CA HIS A 259 -0.77 -12.75 -6.19
C HIS A 259 -0.71 -12.75 -4.67
N LEU A 260 0.09 -13.70 -4.16
CA LEU A 260 0.27 -13.75 -2.69
C LEU A 260 1.13 -12.59 -2.19
N VAL A 261 0.60 -11.97 -1.16
CA VAL A 261 1.33 -10.84 -0.49
C VAL A 261 1.47 -11.10 0.97
N HIS A 262 2.46 -10.39 1.56
CA HIS A 262 2.66 -10.53 3.03
C HIS A 262 1.81 -9.60 3.83
N GLY A 263 1.17 -10.05 4.92
CA GLY A 263 0.32 -9.17 5.79
C GLY A 263 -0.79 -10.05 6.32
N TRP A 264 -2.04 -9.70 5.93
CA TRP A 264 -3.17 -10.47 6.42
C TRP A 264 -3.13 -10.54 7.95
N MET A 265 -3.67 -11.60 8.56
CA MET A 265 -3.84 -11.58 10.05
C MET A 265 -2.49 -11.31 10.75
N ARG A 266 -2.57 -10.36 11.67
CA ARG A 266 -1.41 -10.06 12.59
C ARG A 266 -0.17 -9.68 11.83
N GLY A 267 -0.31 -9.23 10.57
CA GLY A 267 0.89 -8.83 9.78
C GLY A 267 1.85 -10.00 9.60
N SER A 268 1.35 -11.27 9.71
CA SER A 268 2.25 -12.44 9.91
C SER A 268 1.93 -13.57 8.94
N HIS A 269 1.14 -13.29 7.90
CA HIS A 269 0.74 -14.35 6.96
C HIS A 269 0.90 -13.94 5.52
N ALA A 270 0.76 -14.90 4.63
CA ALA A 270 0.77 -14.62 3.14
C ALA A 270 -0.67 -14.98 2.69
N GLY A 271 -1.25 -14.09 1.85
CA GLY A 271 -2.57 -14.46 1.21
C GLY A 271 -2.70 -13.70 -0.10
N PRO A 272 -3.73 -13.98 -0.88
CA PRO A 272 -3.87 -13.40 -2.20
C PRO A 272 -4.42 -11.95 -2.07
N LEU A 273 -3.85 -11.07 -2.96
CA LEU A 273 -4.30 -9.65 -3.03
C LEU A 273 -5.54 -9.55 -3.91
N MET A 274 -6.67 -9.39 -3.25
CA MET A 274 -7.92 -9.36 -4.06
C MET A 274 -8.18 -7.90 -4.56
N PRO A 275 -8.41 -7.70 -5.86
CA PRO A 275 -8.76 -6.38 -6.40
C PRO A 275 -10.26 -6.20 -6.20
N ALA A 276 -10.64 -5.30 -5.30
CA ALA A 276 -11.99 -5.26 -4.82
C ALA A 276 -12.71 -3.98 -5.29
N ARG A 277 -14.03 -4.09 -5.36
CA ARG A 277 -14.84 -2.90 -5.64
C ARG A 277 -15.00 -2.08 -4.36
N PHE A 278 -15.23 -0.77 -4.61
CA PHE A 278 -15.71 0.06 -3.56
C PHE A 278 -17.21 -0.18 -3.27
N ILE A 279 -17.58 -0.04 -1.99
CA ILE A 279 -19.00 -0.20 -1.64
C ILE A 279 -19.82 0.94 -2.22
N SER A 280 -19.24 2.15 -2.16
CA SER A 280 -19.88 3.30 -2.82
C SER A 280 -18.86 4.36 -3.19
N VAL A 281 -19.16 5.10 -4.24
CA VAL A 281 -18.27 6.20 -4.63
C VAL A 281 -19.19 7.40 -4.85
N ASP A 282 -18.92 8.52 -4.16
CA ASP A 282 -19.79 9.75 -4.27
C ASP A 282 -18.88 10.91 -4.78
N PRO A 283 -18.79 11.13 -6.09
CA PRO A 283 -17.89 12.20 -6.59
C PRO A 283 -18.30 13.57 -6.09
N GLU A 284 -19.58 13.82 -5.82
CA GLU A 284 -19.99 15.15 -5.26
C GLU A 284 -19.55 15.39 -3.85
N ARG A 285 -19.72 14.40 -2.98
CA ARG A 285 -19.35 14.50 -1.59
C ARG A 285 -17.81 14.30 -1.40
N ARG A 286 -17.18 13.78 -2.43
CA ARG A 286 -15.72 13.54 -2.48
C ARG A 286 -15.33 12.39 -1.58
N ILE A 287 -16.22 11.40 -1.45
CA ILE A 287 -16.00 10.27 -0.56
C ILE A 287 -16.28 8.95 -1.25
N ALA A 288 -15.37 7.99 -0.98
CA ALA A 288 -15.73 6.60 -1.42
C ALA A 288 -15.53 5.70 -0.21
N ILE A 289 -16.43 4.69 -0.05
CA ILE A 289 -16.34 3.75 1.07
C ILE A 289 -15.88 2.43 0.46
N GLY A 290 -14.70 2.00 0.90
CA GLY A 290 -14.05 0.79 0.29
C GLY A 290 -14.51 -0.49 1.02
N PRO A 291 -13.91 -1.61 0.66
CA PRO A 291 -14.36 -2.92 1.16
C PRO A 291 -13.88 -3.20 2.57
N LYS A 292 -14.65 -4.11 3.19
CA LYS A 292 -14.29 -4.62 4.50
C LYS A 292 -13.27 -5.73 4.47
N MET A 293 -12.57 -5.91 5.61
CA MET A 293 -11.72 -7.12 5.80
C MET A 293 -12.48 -8.04 6.75
N THR A 294 -12.63 -9.32 6.38
CA THR A 294 -13.49 -10.20 7.19
C THR A 294 -12.67 -11.43 7.53
N ARG A 295 -12.71 -12.52 6.75
CA ARG A 295 -12.13 -13.78 7.29
C ARG A 295 -10.63 -13.58 7.47
N PHE A 296 -10.20 -13.94 8.69
CA PHE A 296 -8.79 -13.90 9.03
C PHE A 296 -8.25 -12.46 8.85
N ASP A 297 -9.13 -11.47 9.04
CA ASP A 297 -8.78 -10.02 8.89
C ASP A 297 -8.36 -9.69 7.45
N GLY A 298 -9.03 -10.30 6.49
CA GLY A 298 -8.73 -9.99 5.07
C GLY A 298 -9.77 -10.75 4.22
N PRO A 299 -9.28 -11.47 3.18
CA PRO A 299 -7.89 -11.49 2.66
C PRO A 299 -7.52 -10.00 2.31
N PRO A 300 -6.21 -9.77 2.07
CA PRO A 300 -5.75 -8.41 1.72
C PRO A 300 -6.47 -7.97 0.44
N LYS A 301 -6.78 -6.66 0.38
CA LYS A 301 -7.50 -6.17 -0.81
C LYS A 301 -6.90 -4.84 -1.27
N VAL A 302 -7.05 -4.62 -2.58
CA VAL A 302 -6.58 -3.32 -3.15
C VAL A 302 -7.79 -2.73 -3.88
N GLY A 303 -7.94 -1.39 -3.65
CA GLY A 303 -8.95 -0.64 -4.43
C GLY A 303 -8.21 0.30 -5.41
N ALA A 304 -8.92 0.62 -6.51
CA ALA A 304 -8.33 1.48 -7.59
C ALA A 304 -9.38 2.53 -7.95
N LEU A 305 -8.95 3.81 -7.77
CA LEU A 305 -9.83 4.93 -8.21
C LEU A 305 -9.13 5.73 -9.27
N GLY A 306 -9.81 5.92 -10.41
CA GLY A 306 -9.24 6.70 -11.54
C GLY A 306 -9.80 8.12 -11.50
N PHE A 307 -8.90 9.05 -11.94
CA PHE A 307 -9.31 10.48 -12.00
C PHE A 307 -8.75 11.08 -13.29
N GLN A 308 -9.37 12.20 -13.67
CA GLN A 308 -8.71 13.04 -14.72
C GLN A 308 -8.51 14.41 -14.01
N LEU A 309 -7.28 14.94 -14.14
CA LEU A 309 -6.93 16.24 -13.52
C LEU A 309 -7.16 17.38 -14.52
N HIS A 310 -7.61 18.49 -13.95
CA HIS A 310 -7.66 19.72 -14.86
C HIS A 310 -7.40 20.93 -13.97
N GLU A 311 -6.27 21.57 -14.26
CA GLU A 311 -5.83 22.69 -13.41
CA GLU A 311 -5.77 22.67 -13.42
C GLU A 311 -5.76 22.22 -11.96
N GLY A 312 -5.39 20.92 -11.80
CA GLY A 312 -5.33 20.33 -10.48
C GLY A 312 -6.65 19.85 -9.88
N TYR A 313 -7.79 20.21 -10.45
CA TYR A 313 -9.05 19.66 -9.96
C TYR A 313 -9.13 18.15 -10.31
N LEU A 314 -9.77 17.39 -9.42
CA LEU A 314 -9.86 15.94 -9.58
C LEU A 314 -11.27 15.57 -10.06
N GLU A 315 -11.45 15.18 -11.30
CA GLU A 315 -12.76 14.72 -11.69
C GLU A 315 -12.64 13.18 -11.45
N GLY A 316 -13.57 12.64 -10.70
CA GLY A 316 -13.51 11.18 -10.29
C GLY A 316 -14.02 11.15 -8.86
N GLY A 317 -13.79 10.07 -8.13
CA GLY A 317 -13.06 8.91 -8.64
C GLY A 317 -13.96 7.90 -9.35
N VAL A 318 -13.31 7.08 -10.17
CA VAL A 318 -14.03 5.97 -10.87
C VAL A 318 -13.44 4.67 -10.32
N ASP A 319 -14.34 3.75 -9.90
CA ASP A 319 -13.80 2.43 -9.41
C ASP A 319 -13.42 1.59 -10.60
N LEU A 320 -12.12 1.26 -10.69
CA LEU A 320 -11.62 0.63 -11.86
C LEU A 320 -11.46 -0.92 -11.73
N PHE A 321 -11.96 -1.43 -10.61
CA PHE A 321 -12.04 -2.93 -10.51
C PHE A 321 -13.49 -3.42 -10.67
N ASP A 322 -14.37 -2.51 -11.18
CA ASP A 322 -15.79 -2.78 -11.24
C ASP A 322 -16.10 -3.25 -12.64
N ASP A 323 -15.99 -4.57 -12.87
CA ASP A 323 -16.16 -5.21 -14.23
C ASP A 323 -16.32 -6.69 -13.96
N PRO A 324 -17.23 -7.37 -14.61
CA PRO A 324 -17.33 -8.83 -14.43
C PRO A 324 -16.02 -9.52 -14.72
N ALA A 325 -15.13 -8.95 -15.56
CA ALA A 325 -13.87 -9.64 -15.74
C ALA A 325 -13.07 -9.71 -14.48
N PHE A 326 -13.20 -8.72 -13.61
CA PHE A 326 -12.50 -8.82 -12.35
C PHE A 326 -13.26 -9.69 -11.32
N ASP A 327 -14.51 -10.01 -11.56
CA ASP A 327 -15.14 -10.96 -10.63
C ASP A 327 -14.45 -12.32 -10.75
N TYR A 328 -13.89 -12.71 -11.91
CA TYR A 328 -13.16 -13.96 -12.02
C TYR A 328 -11.93 -13.89 -11.13
N VAL A 329 -11.29 -12.71 -11.14
CA VAL A 329 -10.06 -12.54 -10.37
C VAL A 329 -10.45 -12.56 -8.87
N ARG A 330 -11.53 -11.93 -8.48
CA ARG A 330 -12.00 -12.02 -7.01
C ARG A 330 -12.32 -13.48 -6.63
N GLN A 331 -13.02 -14.21 -7.52
CA GLN A 331 -13.32 -15.63 -7.22
C GLN A 331 -12.04 -16.44 -7.07
N THR A 332 -11.01 -16.20 -7.92
CA THR A 332 -9.75 -16.87 -7.79
C THR A 332 -9.17 -16.55 -6.40
N ALA A 333 -9.16 -15.26 -6.04
CA ALA A 333 -8.60 -14.86 -4.74
C ALA A 333 -9.36 -15.55 -3.57
N ALA A 334 -10.68 -15.64 -3.65
CA ALA A 334 -11.50 -16.20 -2.56
C ALA A 334 -11.15 -17.75 -2.44
N GLN A 335 -10.93 -18.38 -3.60
CA GLN A 335 -10.59 -19.84 -3.54
C GLN A 335 -9.19 -20.05 -3.03
N ILE A 336 -8.23 -19.22 -3.44
CA ILE A 336 -6.86 -19.36 -2.93
C ILE A 336 -6.77 -19.03 -1.47
N ALA A 337 -7.59 -18.06 -1.02
CA ALA A 337 -7.57 -17.72 0.44
C ALA A 337 -8.07 -18.97 1.22
N ASP A 338 -9.10 -19.65 0.72
CA ASP A 338 -9.54 -20.87 1.45
C ASP A 338 -8.53 -21.99 1.41
N TYR A 339 -7.89 -22.21 0.25
CA TYR A 339 -6.87 -23.24 0.22
C TYR A 339 -5.70 -22.96 1.21
N ILE A 340 -5.18 -21.73 1.17
CA ILE A 340 -3.94 -21.51 1.91
C ILE A 340 -4.23 -21.44 3.41
N ARG A 341 -5.45 -21.06 3.78
CA ARG A 341 -5.77 -21.04 5.21
C ARG A 341 -5.77 -22.43 5.86
N ARG A 342 -5.91 -23.49 5.06
CA ARG A 342 -5.91 -24.81 5.67
C ARG A 342 -4.49 -25.11 6.16
N MET A 343 -3.49 -24.30 5.80
CA MET A 343 -2.12 -24.54 6.34
C MET A 343 -1.97 -24.04 7.77
N GLY A 344 -2.85 -23.19 8.26
CA GLY A 344 -2.76 -22.80 9.69
C GLY A 344 -1.47 -22.14 9.98
N PRO A 345 -0.77 -22.53 11.05
CA PRO A 345 0.43 -21.77 11.46
C PRO A 345 1.77 -22.07 10.82
N PHE A 346 1.83 -22.69 9.62
CA PHE A 346 3.09 -23.12 8.99
C PHE A 346 3.52 -22.24 7.85
N GLN A 347 4.80 -21.92 7.78
CA GLN A 347 5.40 -21.34 6.56
C GLN A 347 5.08 -22.24 5.39
N PRO A 348 4.83 -21.66 4.21
CA PRO A 348 4.93 -20.24 3.86
C PRO A 348 3.61 -19.49 4.01
N HIS A 349 2.54 -20.11 4.57
CA HIS A 349 1.35 -19.30 4.83
C HIS A 349 1.68 -18.32 5.99
N ARG A 350 2.24 -18.87 7.07
CA ARG A 350 2.83 -17.95 8.09
C ARG A 350 4.13 -17.47 7.56
N LEU A 351 4.45 -16.18 7.89
CA LEU A 351 5.67 -15.59 7.30
C LEU A 351 6.99 -16.08 7.93
N PRO A 352 8.12 -15.81 7.29
CA PRO A 352 9.42 -16.20 7.84
C PRO A 352 9.58 -15.47 9.22
N PRO A 353 10.40 -16.03 10.08
CA PRO A 353 10.37 -15.57 11.44
C PRO A 353 10.92 -14.08 11.56
N GLU A 354 11.77 -13.66 10.64
CA GLU A 354 12.26 -12.25 10.66
C GLU A 354 11.17 -11.31 10.23
N GLU A 355 10.14 -11.83 9.56
CA GLU A 355 9.17 -11.01 8.78
C GLU A 355 7.84 -10.91 9.43
N MET A 356 7.66 -11.60 10.54
CA MET A 356 6.33 -11.58 11.14
CA MET A 356 6.33 -11.68 11.22
C MET A 356 6.23 -10.46 12.12
N GLU A 357 5.06 -9.83 12.13
CA GLU A 357 4.81 -8.73 13.03
C GLU A 357 4.57 -9.20 14.48
N TYR A 358 4.01 -10.43 14.63
CA TYR A 358 3.72 -10.98 15.93
C TYR A 358 4.62 -12.19 16.06
N THR A 359 5.18 -12.36 17.22
CA THR A 359 5.76 -13.62 17.62
C THR A 359 5.70 -13.88 19.13
N ALA A 360 5.69 -15.17 19.48
CA ALA A 360 5.65 -15.58 20.89
C ALA A 360 6.91 -16.42 21.07
N LEU A 361 7.86 -16.24 20.17
CA LEU A 361 9.01 -17.17 20.16
C LEU A 361 9.88 -16.95 21.42
N PRO A 362 10.06 -15.66 21.87
CA PRO A 362 10.73 -15.39 23.13
C PRO A 362 10.07 -16.09 24.31
N LYS A 363 8.77 -15.88 24.48
CA LYS A 363 8.08 -16.64 25.53
C LYS A 363 8.28 -18.19 25.47
N ILE A 364 8.17 -18.73 24.26
CA ILE A 364 8.45 -20.19 24.08
C ILE A 364 9.87 -20.59 24.49
N LEU A 365 10.86 -19.94 23.88
CA LEU A 365 12.23 -20.30 24.18
C LEU A 365 12.57 -20.07 25.67
N ALA A 366 11.78 -19.25 26.37
CA ALA A 366 12.02 -19.12 27.82
C ALA A 366 11.46 -20.29 28.63
N LYS A 367 10.53 -21.04 28.07
CA LYS A 367 9.82 -22.06 28.82
C LYS A 367 10.20 -23.51 28.41
N VAL A 368 10.68 -23.68 27.17
CA VAL A 368 10.97 -25.03 26.64
C VAL A 368 12.45 -25.31 26.75
N LYS A 369 12.75 -26.42 27.43
CA LYS A 369 14.13 -26.78 27.72
C LYS A 369 14.86 -27.24 26.47
N PRO A 370 16.02 -26.62 26.14
CA PRO A 370 16.79 -27.11 24.99
C PRO A 370 17.77 -28.15 25.41
N TYR A 371 18.10 -29.05 24.53
CA TYR A 371 19.19 -29.93 24.82
C TYR A 371 20.18 -29.73 23.74
N PRO A 372 21.50 -29.50 24.09
CA PRO A 372 22.53 -29.62 23.04
C PRO A 372 22.37 -30.91 22.30
N ALA A 373 22.38 -30.83 20.96
CA ALA A 373 22.01 -32.00 20.18
C ALA A 373 22.97 -33.21 20.38
N ASP A 374 24.24 -32.92 20.66
CA ASP A 374 25.26 -33.97 20.92
C ASP A 374 25.04 -34.72 22.23
N GLN A 375 24.80 -33.98 23.27
CA GLN A 375 24.49 -34.53 24.54
C GLN A 375 23.19 -35.30 24.45
N TYR A 376 22.13 -34.64 23.89
CA TYR A 376 20.79 -35.29 23.79
C TYR A 376 20.86 -36.68 23.14
N GLU A 377 21.61 -36.80 22.06
CA GLU A 377 21.76 -38.05 21.32
C GLU A 377 22.16 -39.27 22.23
N LYS A 378 23.11 -39.08 23.16
CA LYS A 378 23.44 -40.18 24.13
C LYS A 378 22.33 -40.54 25.10
N ASP A 379 21.59 -39.55 25.54
CA ASP A 379 20.62 -39.74 26.61
C ASP A 379 19.16 -39.70 26.14
N ARG A 380 18.92 -39.86 24.82
CA ARG A 380 17.53 -39.78 24.33
C ARG A 380 16.58 -40.74 25.11
N LYS A 381 17.02 -41.97 25.28
CA LYS A 381 16.26 -42.97 26.01
C LYS A 381 15.88 -42.50 27.41
N LYS A 382 16.81 -41.90 28.11
CA LYS A 382 16.59 -41.40 29.44
C LYS A 382 15.62 -40.22 29.44
N TYR A 383 15.79 -39.31 28.46
CA TYR A 383 14.89 -38.15 28.41
C TYR A 383 13.49 -38.54 28.08
N ILE A 384 13.34 -39.49 27.14
CA ILE A 384 11.97 -39.98 26.83
C ILE A 384 11.34 -40.67 28.02
N GLU A 385 12.08 -41.57 28.71
CA GLU A 385 11.47 -42.21 29.91
C GLU A 385 11.04 -41.22 30.97
N ALA A 386 11.83 -40.16 31.17
CA ALA A 386 11.48 -39.05 32.06
C ALA A 386 10.14 -38.46 31.70
N VAL A 387 9.93 -38.12 30.42
CA VAL A 387 8.62 -37.57 30.00
C VAL A 387 7.49 -38.58 30.18
N VAL A 388 7.74 -39.85 29.87
CA VAL A 388 6.71 -40.87 29.97
C VAL A 388 6.28 -41.07 31.45
N LYS A 389 7.29 -41.21 32.32
CA LYS A 389 7.10 -41.29 33.80
C LYS A 389 6.47 -40.01 34.38
#